data_3CLK
#
_entry.id   3CLK
#
_cell.length_a   71.842
_cell.length_b   72.178
_cell.length_c   104.711
_cell.angle_alpha   90.00
_cell.angle_beta   90.00
_cell.angle_gamma   90.00
#
_symmetry.space_group_name_H-M   'P 21 21 21'
#
loop_
_entity.id
_entity.type
_entity.pdbx_description
1 polymer 'Transcription regulator'
2 non-polymer GLYCEROL
3 water water
#
_entity_poly.entity_id   1
_entity_poly.type   'polypeptide(L)'
_entity_poly.pdbx_seq_one_letter_code
;(MSE)SLVKKSSNVIAAVVSSVRTNFAQQILDGIQEEAHKNGYNLIIVYSGSADPEEQKHALLTAIERPV(MSE)GILLL
SIALTDDNLQLLQSSDVPYCFLS(MSE)GFDDDRPFISSDDEDIGYQATNLLINEGHRQIGIAGIDQYPYTGRKRLAGYK
KALKEANIAINQEWIKPGDYSYTSGEQA(MSE)KAFGKNTDLTGIIAASD(MSE)TAIGILNQASSFGIEVPKDLSIVSI
DGTE(MSE)CKITRPQLTSISQDFFQ(MSE)GVTGVQQIHQSVKNGSNRIVSQQFIPVNPVIRKSTARLGEGHHHHHH
;
_entity_poly.pdbx_strand_id   A,B
#
loop_
_chem_comp.id
_chem_comp.type
_chem_comp.name
_chem_comp.formula
GOL non-polymer GLYCEROL 'C3 H8 O3'
#
# COMPACT_ATOMS: atom_id res chain seq x y z
N SER A 8 -9.61 -18.52 23.80
CA SER A 8 -9.09 -18.43 22.40
C SER A 8 -7.77 -17.69 22.37
N ASN A 9 -6.96 -17.94 21.34
CA ASN A 9 -5.67 -17.29 21.19
C ASN A 9 -5.57 -16.46 19.92
N VAL A 10 -6.59 -15.64 19.68
CA VAL A 10 -6.63 -14.79 18.50
C VAL A 10 -6.76 -13.32 18.91
N ILE A 11 -5.95 -12.47 18.29
CA ILE A 11 -5.99 -11.05 18.58
C ILE A 11 -6.63 -10.35 17.39
N ALA A 12 -7.57 -9.45 17.66
CA ALA A 12 -8.24 -8.72 16.60
C ALA A 12 -7.61 -7.35 16.48
N ALA A 13 -7.42 -6.92 15.23
CA ALA A 13 -6.85 -5.60 14.97
C ALA A 13 -7.88 -4.82 14.17
N VAL A 14 -8.34 -3.70 14.73
CA VAL A 14 -9.32 -2.89 14.03
C VAL A 14 -8.63 -1.76 13.28
N VAL A 15 -8.83 -1.75 11.96
CA VAL A 15 -8.27 -0.71 11.12
C VAL A 15 -9.33 -0.38 10.08
N SER A 16 -9.71 0.89 10.00
CA SER A 16 -10.71 1.27 9.02
C SER A 16 -10.09 2.23 8.02
N SER A 17 -10.51 2.09 6.77
CA SER A 17 -10.05 2.90 5.65
C SER A 17 -8.94 3.89 5.98
N VAL A 18 -7.80 3.72 5.33
CA VAL A 18 -6.66 4.60 5.55
C VAL A 18 -6.07 4.98 4.20
N ARG A 19 -5.62 6.21 4.09
CA ARG A 19 -5.04 6.69 2.84
C ARG A 19 -3.54 6.52 2.75
N THR A 20 -2.95 5.80 3.70
CA THR A 20 -1.52 5.57 3.70
C THR A 20 -1.21 4.11 3.99
N ASN A 21 0.08 3.81 4.06
CA ASN A 21 0.56 2.45 4.31
C ASN A 21 0.94 2.27 5.78
N PHE A 22 0.53 3.21 6.63
CA PHE A 22 0.90 3.13 8.04
C PHE A 22 0.46 1.84 8.75
N ALA A 23 -0.79 1.42 8.53
CA ALA A 23 -1.31 0.23 9.19
C ALA A 23 -0.42 -1.00 8.93
N GLN A 24 -0.07 -1.20 7.66
CA GLN A 24 0.78 -2.30 7.25
C GLN A 24 2.03 -2.36 8.12
N GLN A 25 2.60 -1.19 8.37
CA GLN A 25 3.80 -1.08 9.19
C GLN A 25 3.55 -1.62 10.60
N ILE A 26 2.41 -1.23 11.18
CA ILE A 26 2.04 -1.67 12.52
C ILE A 26 1.70 -3.15 12.55
N LEU A 27 0.99 -3.62 11.52
CA LEU A 27 0.60 -5.02 11.44
C LEU A 27 1.83 -5.92 11.46
N ASP A 28 2.86 -5.57 10.68
CA ASP A 28 4.08 -6.36 10.65
C ASP A 28 4.58 -6.60 12.08
N GLY A 29 4.58 -5.55 12.88
CA GLY A 29 5.01 -5.68 14.26
C GLY A 29 4.12 -6.64 15.02
N ILE A 30 2.82 -6.42 14.94
CA ILE A 30 1.84 -7.28 15.60
C ILE A 30 2.07 -8.74 15.20
N GLN A 31 2.21 -8.98 13.91
CA GLN A 31 2.43 -10.33 13.41
C GLN A 31 3.62 -11.03 14.07
N GLU A 32 4.79 -10.41 13.98
CA GLU A 32 6.00 -11.00 14.55
C GLU A 32 5.87 -11.31 16.04
N GLU A 33 5.32 -10.37 16.81
CA GLU A 33 5.17 -10.59 18.25
C GLU A 33 4.04 -11.56 18.56
N ALA A 34 3.11 -11.69 17.63
CA ALA A 34 1.99 -12.61 17.81
C ALA A 34 2.52 -14.04 17.63
N HIS A 35 3.22 -14.26 16.51
CA HIS A 35 3.79 -15.57 16.19
C HIS A 35 4.65 -16.07 17.35
N LYS A 36 5.42 -15.17 17.95
CA LYS A 36 6.28 -15.51 19.07
C LYS A 36 5.51 -16.11 20.24
N ASN A 37 4.20 -15.92 20.25
CA ASN A 37 3.37 -16.45 21.32
C ASN A 37 2.27 -17.36 20.81
N GLY A 38 2.38 -17.79 19.56
CA GLY A 38 1.39 -18.66 18.97
C GLY A 38 0.05 -18.00 18.75
N TYR A 39 -0.01 -16.68 18.91
CA TYR A 39 -1.25 -15.94 18.72
C TYR A 39 -1.62 -15.89 17.24
N ASN A 40 -2.92 -15.77 16.98
CA ASN A 40 -3.42 -15.69 15.61
C ASN A 40 -3.99 -14.30 15.40
N LEU A 41 -3.76 -13.74 14.22
CA LEU A 41 -4.23 -12.39 13.95
C LEU A 41 -5.29 -12.27 12.87
N ILE A 42 -6.34 -11.50 13.17
CA ILE A 42 -7.41 -11.26 12.23
C ILE A 42 -7.60 -9.75 12.23
N ILE A 43 -8.08 -9.21 11.12
CA ILE A 43 -8.26 -7.77 11.00
C ILE A 43 -9.66 -7.42 10.53
N VAL A 44 -10.21 -6.34 11.08
CA VAL A 44 -11.54 -5.87 10.70
C VAL A 44 -11.48 -4.40 10.33
N TYR A 45 -12.34 -3.99 9.40
CA TYR A 45 -12.37 -2.60 8.96
C TYR A 45 -13.12 -1.70 9.93
N HIS A 56 -19.94 -1.14 14.61
CA HIS A 56 -20.08 -2.19 13.61
C HIS A 56 -18.85 -3.09 13.55
N ALA A 57 -17.70 -2.50 13.26
CA ALA A 57 -16.46 -3.25 13.18
C ALA A 57 -16.20 -3.91 14.54
N LEU A 58 -16.50 -3.17 15.60
CA LEU A 58 -16.30 -3.65 16.96
C LEU A 58 -17.08 -4.93 17.25
N LEU A 59 -18.35 -4.94 16.88
CA LEU A 59 -19.20 -6.11 17.10
C LEU A 59 -18.63 -7.34 16.44
N THR A 60 -18.17 -7.20 15.20
CA THR A 60 -17.59 -8.32 14.47
C THR A 60 -16.49 -8.96 15.31
N ALA A 61 -15.72 -8.13 16.01
CA ALA A 61 -14.63 -8.61 16.84
C ALA A 61 -15.12 -9.16 18.17
N ILE A 62 -16.12 -8.51 18.75
CA ILE A 62 -16.67 -8.92 20.03
C ILE A 62 -17.42 -10.25 19.97
N GLU A 63 -18.33 -10.39 19.02
CA GLU A 63 -19.12 -11.61 18.86
C GLU A 63 -18.19 -12.79 18.65
N ARG A 64 -16.93 -12.50 18.33
CA ARG A 64 -15.94 -13.52 18.08
C ARG A 64 -14.99 -13.62 19.28
N PRO A 65 -15.04 -14.74 20.00
CA PRO A 65 -14.18 -14.95 21.17
C PRO A 65 -12.72 -14.61 20.87
N VAL A 66 -12.32 -13.37 21.15
CA VAL A 66 -10.95 -12.94 20.91
C VAL A 66 -10.19 -12.64 22.19
N MSE A 67 -8.89 -12.86 22.13
CA MSE A 67 -7.99 -12.65 23.25
C MSE A 67 -7.85 -11.16 23.60
O MSE A 67 -7.83 -10.77 24.76
CB MSE A 67 -6.62 -13.23 22.88
CG MSE A 67 -5.59 -13.20 23.96
SE MSE A 67 -4.00 -14.04 23.26
CE MSE A 67 -4.38 -15.86 23.78
N GLY A 68 -7.76 -10.32 22.57
CA GLY A 68 -7.62 -8.89 22.77
C GLY A 68 -7.83 -8.10 21.48
N ILE A 69 -8.04 -6.80 21.62
CA ILE A 69 -8.26 -5.96 20.44
C ILE A 69 -7.33 -4.74 20.42
N LEU A 70 -6.80 -4.45 19.24
CA LEU A 70 -5.91 -3.31 19.05
C LEU A 70 -6.56 -2.42 18.00
N LEU A 71 -6.74 -1.14 18.31
CA LEU A 71 -7.34 -0.21 17.37
C LEU A 71 -6.28 0.71 16.78
N LEU A 72 -5.92 0.45 15.52
CA LEU A 72 -4.90 1.26 14.87
C LEU A 72 -5.50 2.57 14.37
N SER A 73 -5.21 3.65 15.10
CA SER A 73 -5.67 5.00 14.79
C SER A 73 -7.16 5.09 14.48
N ILE A 74 -8.00 4.79 15.46
CA ILE A 74 -9.44 4.83 15.27
C ILE A 74 -10.12 5.67 16.34
N ALA A 75 -11.26 6.27 15.98
CA ALA A 75 -12.02 7.09 16.91
C ALA A 75 -13.51 7.05 16.57
N ASN A 80 -18.28 4.48 21.04
CA ASN A 80 -18.38 3.03 20.91
C ASN A 80 -17.43 2.29 21.83
N LEU A 81 -16.62 3.02 22.60
CA LEU A 81 -15.69 2.38 23.52
C LEU A 81 -16.49 1.76 24.66
N GLN A 82 -17.65 2.36 24.95
CA GLN A 82 -18.51 1.86 26.00
C GLN A 82 -18.82 0.40 25.67
N LEU A 83 -19.15 0.14 24.41
CA LEU A 83 -19.43 -1.21 23.95
C LEU A 83 -18.17 -2.04 24.11
N LEU A 84 -17.03 -1.40 23.89
CA LEU A 84 -15.74 -2.06 23.99
C LEU A 84 -15.42 -2.47 25.42
N GLN A 85 -15.45 -1.50 26.33
CA GLN A 85 -15.15 -1.74 27.75
C GLN A 85 -15.66 -3.09 28.27
N SER A 86 -16.88 -3.47 27.89
CA SER A 86 -17.43 -4.74 28.33
C SER A 86 -16.63 -5.90 27.75
N SER A 87 -17.19 -6.58 26.76
CA SER A 87 -16.54 -7.71 26.12
C SER A 87 -15.85 -8.65 27.13
N PRO A 90 -10.39 -6.65 26.64
CA PRO A 90 -9.01 -6.12 26.71
C PRO A 90 -8.61 -5.46 25.39
N TYR A 91 -8.49 -4.13 25.43
CA TYR A 91 -8.14 -3.36 24.25
C TYR A 91 -7.04 -2.34 24.48
N CYS A 92 -6.36 -1.98 23.40
CA CYS A 92 -5.31 -0.97 23.47
C CYS A 92 -5.24 -0.22 22.14
N PHE A 93 -5.29 1.10 22.20
CA PHE A 93 -5.22 1.92 21.00
C PHE A 93 -3.79 2.00 20.50
N LEU A 94 -3.62 1.89 19.18
CA LEU A 94 -2.29 1.98 18.57
C LEU A 94 -2.21 3.13 17.58
N SER A 95 -1.12 3.91 17.69
CA SER A 95 -0.86 5.04 16.81
C SER A 95 -1.79 6.23 17.04
N MSE A 96 -2.30 6.34 18.26
CA MSE A 96 -3.19 7.45 18.63
C MSE A 96 -3.16 7.60 20.15
O MSE A 96 -3.37 6.64 20.88
CB MSE A 96 -4.62 7.18 18.17
CG MSE A 96 -5.59 8.32 18.47
SE MSE A 96 -7.36 8.04 17.74
CE MSE A 96 -7.02 8.67 15.94
N GLY A 97 -2.90 8.81 20.63
CA GLY A 97 -2.84 9.05 22.05
C GLY A 97 -4.03 9.83 22.55
N ASP A 100 -8.36 10.93 29.48
CA ASP A 100 -7.10 10.34 29.06
C ASP A 100 -6.78 9.10 29.86
N ASP A 101 -7.77 8.21 29.98
CA ASP A 101 -7.58 6.97 30.73
C ASP A 101 -7.29 5.85 29.74
N ARG A 102 -7.80 6.02 28.52
CA ARG A 102 -7.64 5.04 27.45
C ARG A 102 -6.19 4.62 27.25
N PRO A 103 -5.93 3.30 27.29
CA PRO A 103 -4.58 2.77 27.11
C PRO A 103 -4.14 2.99 25.67
N PHE A 104 -2.87 3.28 25.46
CA PHE A 104 -2.38 3.51 24.11
C PHE A 104 -0.87 3.47 23.95
N ILE A 105 -0.45 3.19 22.72
CA ILE A 105 0.95 3.12 22.33
C ILE A 105 0.96 3.91 21.03
N SER A 106 1.70 5.02 21.01
CA SER A 106 1.72 5.85 19.83
C SER A 106 2.79 6.93 19.91
N SER A 107 3.00 7.62 18.80
CA SER A 107 3.98 8.71 18.76
C SER A 107 3.26 9.89 19.39
N ASP A 108 4.04 10.88 19.81
CA ASP A 108 3.49 12.08 20.42
C ASP A 108 3.19 12.99 19.22
N ASP A 109 1.95 12.99 18.76
CA ASP A 109 1.59 13.81 17.61
C ASP A 109 1.96 15.27 17.73
N GLU A 110 1.94 15.81 18.95
CA GLU A 110 2.30 17.20 19.13
C GLU A 110 3.78 17.36 18.88
N ASP A 111 4.57 16.40 19.36
CA ASP A 111 6.01 16.48 19.18
C ASP A 111 6.34 16.27 17.70
N ILE A 112 5.50 15.52 17.00
CA ILE A 112 5.74 15.30 15.58
C ILE A 112 5.66 16.64 14.87
N GLY A 113 4.56 17.35 15.06
CA GLY A 113 4.39 18.64 14.44
C GLY A 113 5.50 19.59 14.84
N TYR A 114 5.91 19.49 16.10
CA TYR A 114 6.96 20.32 16.67
C TYR A 114 8.31 20.08 16.00
N GLN A 115 8.71 18.81 15.93
CA GLN A 115 9.96 18.45 15.30
C GLN A 115 9.96 18.75 13.81
N ALA A 116 8.87 18.40 13.13
CA ALA A 116 8.76 18.63 11.70
C ALA A 116 9.01 20.10 11.38
N THR A 117 8.33 20.99 12.11
CA THR A 117 8.47 22.42 11.91
C THR A 117 9.85 22.94 12.28
N ASN A 118 10.40 22.47 13.40
CA ASN A 118 11.72 22.92 13.85
C ASN A 118 12.84 22.49 12.91
N LEU A 119 12.67 21.35 12.25
CA LEU A 119 13.69 20.87 11.31
C LEU A 119 13.85 21.94 10.24
N LEU A 120 12.72 22.52 9.82
CA LEU A 120 12.74 23.58 8.83
C LEU A 120 13.21 24.91 9.43
N ILE A 121 12.78 25.22 10.66
CA ILE A 121 13.21 26.47 11.30
C ILE A 121 14.71 26.45 11.57
N ASN A 122 15.22 25.29 11.97
CA ASN A 122 16.64 25.17 12.24
C ASN A 122 17.48 25.24 10.96
N GLU A 123 16.82 25.30 9.81
CA GLU A 123 17.53 25.42 8.54
C GLU A 123 17.34 26.81 7.95
N GLY A 124 16.83 27.73 8.74
CA GLY A 124 16.63 29.10 8.28
C GLY A 124 15.27 29.45 7.70
N HIS A 125 14.38 28.48 7.61
CA HIS A 125 13.05 28.72 7.06
C HIS A 125 12.15 29.35 8.12
N ARG A 126 11.27 30.25 7.69
CA ARG A 126 10.33 30.88 8.62
C ARG A 126 8.95 30.90 8.01
N GLN A 127 8.90 30.93 6.68
CA GLN A 127 7.63 30.92 5.96
C GLN A 127 7.35 29.45 5.67
N ILE A 128 6.77 28.78 6.66
CA ILE A 128 6.49 27.37 6.63
C ILE A 128 5.00 27.04 6.66
N GLY A 129 4.56 26.18 5.74
CA GLY A 129 3.17 25.80 5.70
C GLY A 129 3.02 24.37 6.17
N ILE A 130 1.79 23.94 6.40
CA ILE A 130 1.50 22.57 6.82
C ILE A 130 0.22 22.14 6.08
N ALA A 131 0.27 20.97 5.47
CA ALA A 131 -0.86 20.49 4.69
C ALA A 131 -1.20 19.03 4.82
N GLY A 132 -2.48 18.71 4.63
CA GLY A 132 -2.94 17.34 4.69
C GLY A 132 -3.47 16.88 6.04
N ILE A 133 -3.29 17.71 7.07
CA ILE A 133 -3.77 17.33 8.40
C ILE A 133 -5.27 17.49 8.52
N ASP A 134 -5.93 16.57 9.20
CA ASP A 134 -7.36 16.71 9.40
C ASP A 134 -7.56 17.59 10.63
N GLN A 135 -8.72 18.22 10.74
CA GLN A 135 -8.98 19.09 11.87
C GLN A 135 -9.64 18.39 13.05
N TYR A 136 -9.45 17.08 13.14
CA TYR A 136 -10.03 16.30 14.22
C TYR A 136 -9.11 16.33 15.45
N PRO A 137 -9.72 16.50 16.64
CA PRO A 137 -9.18 16.60 18.01
C PRO A 137 -7.97 15.80 18.52
N TYR A 138 -7.98 14.48 18.35
CA TYR A 138 -6.89 13.66 18.90
C TYR A 138 -5.58 13.48 18.14
N THR A 139 -5.59 13.66 16.82
CA THR A 139 -4.37 13.48 16.05
C THR A 139 -3.97 14.72 15.25
N GLY A 140 -4.87 15.15 14.38
CA GLY A 140 -4.59 16.32 13.56
C GLY A 140 -4.39 17.59 14.38
N ARG A 141 -5.30 17.86 15.30
CA ARG A 141 -5.20 19.04 16.13
C ARG A 141 -3.88 19.07 16.88
N LYS A 142 -3.45 17.93 17.38
CA LYS A 142 -2.20 17.82 18.13
C LYS A 142 -0.97 18.14 17.27
N ARG A 143 -1.00 17.73 16.00
CA ARG A 143 0.13 18.02 15.12
C ARG A 143 0.13 19.51 14.79
N LEU A 144 -1.04 20.04 14.49
CA LEU A 144 -1.15 21.45 14.18
C LEU A 144 -0.68 22.25 15.39
N ALA A 145 -0.88 21.67 16.58
CA ALA A 145 -0.47 22.34 17.81
C ALA A 145 1.06 22.35 17.92
N GLY A 146 1.68 21.22 17.59
CA GLY A 146 3.13 21.15 17.65
C GLY A 146 3.74 22.13 16.66
N TYR A 147 3.00 22.38 15.58
CA TYR A 147 3.41 23.30 14.54
C TYR A 147 3.30 24.75 15.00
N LYS A 148 2.15 25.09 15.60
CA LYS A 148 1.94 26.45 16.09
C LYS A 148 2.88 26.77 17.24
N LYS A 149 3.26 25.74 17.98
CA LYS A 149 4.16 25.87 19.10
C LYS A 149 5.56 26.25 18.61
N ALA A 150 6.02 25.57 17.56
CA ALA A 150 7.34 25.84 17.00
C ALA A 150 7.41 27.22 16.38
N LEU A 151 6.32 27.65 15.74
CA LEU A 151 6.30 28.97 15.14
C LEU A 151 6.34 30.01 16.25
N LYS A 152 5.65 29.74 17.35
CA LYS A 152 5.62 30.66 18.48
C LYS A 152 7.02 30.87 19.05
N GLU A 153 7.73 29.77 19.30
CA GLU A 153 9.07 29.86 19.88
C GLU A 153 10.06 30.51 18.92
N ALA A 154 9.73 30.51 17.62
CA ALA A 154 10.62 31.13 16.64
C ALA A 154 10.07 32.53 16.37
N ASN A 155 9.05 32.90 17.14
CA ASN A 155 8.42 34.20 17.02
C ASN A 155 7.95 34.46 15.60
N ILE A 156 7.31 33.45 15.01
CA ILE A 156 6.77 33.55 13.66
C ILE A 156 5.27 33.76 13.77
N ALA A 157 4.74 34.73 13.04
CA ALA A 157 3.32 35.02 13.09
C ALA A 157 2.52 33.92 12.41
N ILE A 158 1.66 33.25 13.18
CA ILE A 158 0.83 32.20 12.65
C ILE A 158 -0.05 32.78 11.55
N ASN A 159 0.00 32.16 10.37
CA ASN A 159 -0.79 32.62 9.24
C ASN A 159 -1.73 31.50 8.81
N GLN A 160 -3.03 31.76 8.90
CA GLN A 160 -4.03 30.77 8.53
C GLN A 160 -3.91 30.28 7.09
N GLU A 161 -3.51 31.16 6.18
CA GLU A 161 -3.38 30.76 4.79
C GLU A 161 -2.24 29.76 4.56
N TRP A 162 -1.50 29.45 5.62
CA TRP A 162 -0.39 28.52 5.52
C TRP A 162 -0.78 27.13 5.98
N ILE A 163 -2.05 26.98 6.37
CA ILE A 163 -2.59 25.71 6.84
C ILE A 163 -3.65 25.23 5.87
N LYS A 164 -3.41 24.08 5.24
CA LYS A 164 -4.35 23.49 4.30
C LYS A 164 -4.75 22.11 4.79
N PRO A 165 -5.92 22.00 5.42
CA PRO A 165 -6.44 20.74 5.95
C PRO A 165 -6.63 19.70 4.85
N GLY A 166 -6.55 18.42 5.23
CA GLY A 166 -6.73 17.36 4.27
C GLY A 166 -7.04 16.06 4.98
N ASP A 167 -6.84 14.94 4.29
CA ASP A 167 -7.12 13.63 4.86
C ASP A 167 -5.90 12.72 4.81
N TYR A 168 -4.70 13.31 4.84
CA TYR A 168 -3.46 12.53 4.79
C TYR A 168 -3.20 11.77 3.49
N SER A 169 -3.97 12.05 2.45
CA SER A 169 -3.81 11.33 1.19
C SER A 169 -2.89 12.00 0.17
N TYR A 170 -2.53 11.26 -0.86
CA TYR A 170 -1.70 11.79 -1.94
C TYR A 170 -2.47 12.95 -2.58
N THR A 171 -3.72 12.68 -2.94
CA THR A 171 -4.55 13.70 -3.56
C THR A 171 -4.65 14.97 -2.74
N SER A 172 -4.77 14.84 -1.43
CA SER A 172 -4.83 16.01 -0.56
C SER A 172 -3.54 16.83 -0.69
N GLY A 173 -2.42 16.15 -0.93
CA GLY A 173 -1.15 16.83 -1.09
C GLY A 173 -1.14 17.67 -2.37
N GLU A 174 -1.58 17.07 -3.47
CA GLU A 174 -1.63 17.80 -4.72
C GLU A 174 -2.53 19.04 -4.59
N GLN A 175 -3.73 18.83 -4.07
CA GLN A 175 -4.68 19.92 -3.94
C GLN A 175 -4.22 21.02 -2.98
N ALA A 176 -3.53 20.64 -1.91
CA ALA A 176 -3.05 21.62 -0.96
C ALA A 176 -1.96 22.47 -1.62
N MSE A 177 -1.16 21.88 -2.50
CA MSE A 177 -0.10 22.62 -3.18
C MSE A 177 -0.73 23.59 -4.18
O MSE A 177 -0.26 24.72 -4.34
CB MSE A 177 0.87 21.67 -3.88
CG MSE A 177 2.06 22.38 -4.56
SE MSE A 177 3.21 23.32 -3.29
CE MSE A 177 3.02 25.14 -3.97
N LYS A 178 -1.77 23.15 -4.86
CA LYS A 178 -2.46 24.01 -5.83
C LYS A 178 -3.03 25.20 -5.07
N ALA A 179 -3.46 24.97 -3.83
CA ALA A 179 -4.03 26.04 -3.00
C ALA A 179 -2.94 27.02 -2.60
N PHE A 180 -1.76 26.50 -2.28
CA PHE A 180 -0.65 27.36 -1.90
C PHE A 180 -0.31 28.24 -3.09
N GLY A 181 -0.41 27.66 -4.27
CA GLY A 181 -0.15 28.39 -5.50
C GLY A 181 1.27 28.38 -6.02
N LYS A 182 1.40 28.39 -7.33
CA LYS A 182 2.67 28.41 -8.03
C LYS A 182 3.54 29.57 -7.52
N ASN A 183 2.88 30.68 -7.18
CA ASN A 183 3.57 31.87 -6.69
C ASN A 183 3.62 31.95 -5.17
N THR A 184 3.56 30.80 -4.51
CA THR A 184 3.61 30.78 -3.06
C THR A 184 4.87 31.46 -2.54
N ASP A 185 4.74 32.09 -1.37
CA ASP A 185 5.86 32.76 -0.74
C ASP A 185 6.48 31.79 0.27
N LEU A 186 5.84 30.65 0.50
CA LEU A 186 6.35 29.68 1.44
C LEU A 186 7.65 29.10 0.89
N THR A 187 8.59 28.75 1.78
CA THR A 187 9.87 28.18 1.36
C THR A 187 10.01 26.77 1.91
N GLY A 188 9.11 26.40 2.82
CA GLY A 188 9.13 25.07 3.40
C GLY A 188 7.72 24.59 3.68
N ILE A 189 7.47 23.29 3.51
CA ILE A 189 6.14 22.73 3.77
C ILE A 189 6.23 21.42 4.52
N ILE A 190 5.38 21.27 5.54
CA ILE A 190 5.30 20.08 6.33
C ILE A 190 4.11 19.25 5.83
N ALA A 191 4.36 18.02 5.41
CA ALA A 191 3.27 17.18 4.91
C ALA A 191 2.73 16.25 6.00
N ALA A 192 1.41 16.10 6.04
CA ALA A 192 0.73 15.26 7.04
C ALA A 192 1.13 13.79 7.02
N SER A 193 1.56 13.32 5.86
CA SER A 193 1.99 11.93 5.70
C SER A 193 2.90 11.82 4.50
N ASP A 194 3.50 10.65 4.30
CA ASP A 194 4.38 10.46 3.16
C ASP A 194 3.60 10.60 1.86
N MSE A 195 2.38 10.06 1.83
CA MSE A 195 1.56 10.14 0.62
C MSE A 195 1.26 11.61 0.30
O MSE A 195 1.36 12.02 -0.84
CB MSE A 195 0.26 9.36 0.79
CG MSE A 195 0.42 7.87 1.01
SE MSE A 195 1.64 7.04 -0.29
CE MSE A 195 0.82 7.54 -1.96
N THR A 196 0.88 12.37 1.31
CA THR A 196 0.59 13.80 1.12
C THR A 196 1.88 14.52 0.67
N ALA A 197 3.00 14.10 1.26
CA ALA A 197 4.28 14.70 0.89
C ALA A 197 4.54 14.52 -0.60
N ILE A 198 4.27 13.33 -1.11
CA ILE A 198 4.50 13.03 -2.52
C ILE A 198 3.55 13.86 -3.39
N GLY A 199 2.32 14.05 -2.92
CA GLY A 199 1.38 14.86 -3.68
C GLY A 199 1.90 16.29 -3.80
N ILE A 200 2.44 16.80 -2.70
CA ILE A 200 2.98 18.16 -2.68
C ILE A 200 4.19 18.24 -3.60
N LEU A 201 5.07 17.25 -3.51
CA LEU A 201 6.27 17.21 -4.34
C LEU A 201 5.94 17.18 -5.83
N ASN A 202 5.00 16.33 -6.23
CA ASN A 202 4.64 16.22 -7.63
C ASN A 202 3.95 17.48 -8.16
N GLN A 203 3.04 18.05 -7.39
CA GLN A 203 2.33 19.27 -7.80
C GLN A 203 3.30 20.45 -7.86
N ALA A 204 4.21 20.53 -6.90
CA ALA A 204 5.18 21.62 -6.90
C ALA A 204 6.01 21.54 -8.17
N SER A 205 6.44 20.32 -8.50
CA SER A 205 7.25 20.11 -9.70
C SER A 205 6.50 20.49 -10.98
N SER A 206 5.20 20.17 -11.04
CA SER A 206 4.45 20.50 -12.24
C SER A 206 4.37 22.03 -12.35
N PHE A 207 4.51 22.72 -11.22
CA PHE A 207 4.48 24.18 -11.19
C PHE A 207 5.87 24.73 -11.50
N GLY A 208 6.84 23.83 -11.69
CA GLY A 208 8.19 24.27 -11.97
C GLY A 208 8.95 24.65 -10.70
N ILE A 209 8.42 24.23 -9.56
CA ILE A 209 9.04 24.52 -8.28
C ILE A 209 9.96 23.35 -7.90
N GLU A 210 11.27 23.59 -8.00
CA GLU A 210 12.28 22.59 -7.70
C GLU A 210 12.46 22.34 -6.19
N VAL A 211 12.53 21.06 -5.84
CA VAL A 211 12.72 20.65 -4.45
C VAL A 211 14.07 19.95 -4.39
N PRO A 212 14.94 20.35 -3.45
CA PRO A 212 14.76 21.40 -2.43
C PRO A 212 15.27 22.79 -2.81
N LYS A 213 15.73 22.97 -4.04
CA LYS A 213 16.26 24.26 -4.45
C LYS A 213 15.30 25.42 -4.14
N ASP A 214 14.06 25.30 -4.61
CA ASP A 214 13.07 26.36 -4.42
C ASP A 214 12.12 26.11 -3.25
N LEU A 215 12.05 24.87 -2.79
CA LEU A 215 11.14 24.53 -1.71
C LEU A 215 11.58 23.29 -0.94
N SER A 216 11.55 23.37 0.38
CA SER A 216 11.92 22.25 1.24
C SER A 216 10.63 21.53 1.65
N ILE A 217 10.69 20.21 1.76
CA ILE A 217 9.52 19.44 2.16
C ILE A 217 9.92 18.43 3.23
N VAL A 218 9.22 18.46 4.36
CA VAL A 218 9.48 17.49 5.43
C VAL A 218 8.25 16.62 5.50
N SER A 219 8.44 15.32 5.37
CA SER A 219 7.32 14.39 5.43
C SER A 219 7.18 13.79 6.82
N ILE A 220 5.96 13.39 7.17
CA ILE A 220 5.69 12.75 8.45
C ILE A 220 5.33 11.29 8.17
N ASP A 221 5.99 10.37 8.90
CA ASP A 221 5.82 8.91 8.84
C ASP A 221 7.16 8.21 8.59
N GLY A 222 7.79 8.55 7.47
CA GLY A 222 9.09 7.96 7.14
C GLY A 222 9.04 6.51 6.67
N THR A 223 8.00 6.13 5.95
CA THR A 223 7.91 4.76 5.44
C THR A 223 8.79 4.67 4.20
N GLU A 224 8.89 3.48 3.62
CA GLU A 224 9.70 3.28 2.42
C GLU A 224 9.29 4.20 1.28
N MSE A 225 8.06 4.70 1.32
CA MSE A 225 7.59 5.63 0.29
C MSE A 225 8.61 6.77 0.15
O MSE A 225 8.85 7.26 -0.96
CB MSE A 225 6.21 6.23 0.68
CG MSE A 225 5.01 5.30 0.54
SE MSE A 225 4.75 4.63 -1.31
CE MSE A 225 5.83 3.05 -1.15
N CYS A 226 9.20 7.18 1.27
CA CYS A 226 10.17 8.27 1.22
C CYS A 226 11.43 7.91 0.45
N LYS A 227 11.71 6.62 0.34
CA LYS A 227 12.91 6.16 -0.35
C LYS A 227 12.78 5.96 -1.85
N ILE A 228 11.55 5.82 -2.33
CA ILE A 228 11.35 5.60 -3.75
C ILE A 228 10.98 6.86 -4.51
N THR A 229 10.85 7.98 -3.80
CA THR A 229 10.54 9.24 -4.45
C THR A 229 11.87 9.89 -4.81
N ARG A 230 11.83 10.83 -5.74
CA ARG A 230 13.04 11.54 -6.16
C ARG A 230 12.67 13.01 -6.24
N PRO A 231 13.28 13.84 -5.38
CA PRO A 231 14.25 13.45 -4.35
C PRO A 231 13.64 12.66 -3.20
N GLN A 232 14.47 11.85 -2.55
CA GLN A 232 14.00 11.08 -1.40
C GLN A 232 13.55 12.07 -0.33
N LEU A 233 12.45 11.74 0.32
CA LEU A 233 11.85 12.62 1.33
C LEU A 233 12.39 12.59 2.74
N THR A 234 12.84 13.76 3.21
CA THR A 234 13.31 13.90 4.58
C THR A 234 12.03 13.75 5.38
N SER A 235 12.13 13.11 6.54
CA SER A 235 10.95 12.86 7.35
C SER A 235 11.13 12.81 8.86
N ILE A 236 9.99 12.90 9.54
CA ILE A 236 9.93 12.76 10.99
C ILE A 236 9.35 11.36 10.94
N SER A 237 10.20 10.38 11.26
CA SER A 237 9.82 8.98 11.19
C SER A 237 9.20 8.40 12.45
N GLN A 238 8.16 7.58 12.25
CA GLN A 238 7.45 6.92 13.34
C GLN A 238 7.86 5.45 13.36
N ASP A 239 7.95 4.87 14.56
CA ASP A 239 8.30 3.46 14.69
C ASP A 239 7.02 2.65 14.77
N PHE A 240 6.30 2.57 13.65
CA PHE A 240 5.05 1.84 13.62
C PHE A 240 5.24 0.39 14.08
N PHE A 241 6.31 -0.24 13.62
CA PHE A 241 6.62 -1.63 13.96
C PHE A 241 6.62 -1.84 15.47
N GLN A 242 7.34 -0.99 16.19
CA GLN A 242 7.42 -1.12 17.63
C GLN A 242 6.04 -1.02 18.24
N MSE A 243 5.22 -0.10 17.73
CA MSE A 243 3.86 0.07 18.23
C MSE A 243 3.09 -1.24 18.16
O MSE A 243 2.29 -1.54 19.05
CB MSE A 243 3.12 1.12 17.41
CG MSE A 243 3.59 2.55 17.63
SE MSE A 243 2.59 3.77 16.49
CE MSE A 243 4.07 4.89 15.88
N GLY A 244 3.33 -2.01 17.10
CA GLY A 244 2.64 -3.27 16.94
C GLY A 244 3.14 -4.32 17.90
N VAL A 245 4.47 -4.35 18.07
CA VAL A 245 5.11 -5.30 18.96
C VAL A 245 4.63 -5.06 20.39
N THR A 246 4.71 -3.80 20.83
CA THR A 246 4.32 -3.42 22.17
C THR A 246 2.82 -3.58 22.42
N GLY A 247 2.04 -3.55 21.35
CA GLY A 247 0.61 -3.71 21.50
C GLY A 247 0.34 -5.15 21.91
N VAL A 248 0.99 -6.08 21.23
CA VAL A 248 0.84 -7.50 21.52
C VAL A 248 1.40 -7.83 22.90
N GLN A 249 2.53 -7.23 23.25
CA GLN A 249 3.14 -7.47 24.56
C GLN A 249 2.14 -7.13 25.65
N GLN A 250 1.45 -6.00 25.47
CA GLN A 250 0.45 -5.55 26.44
C GLN A 250 -0.71 -6.52 26.56
N ILE A 251 -1.07 -7.17 25.46
CA ILE A 251 -2.15 -8.14 25.48
C ILE A 251 -1.68 -9.37 26.25
N HIS A 252 -0.48 -9.83 25.92
CA HIS A 252 0.11 -11.00 26.55
C HIS A 252 0.31 -10.81 28.05
N GLN A 253 0.41 -9.56 28.48
CA GLN A 253 0.60 -9.27 29.90
C GLN A 253 -0.69 -9.20 30.71
N SER A 254 -1.64 -8.39 30.25
CA SER A 254 -2.90 -8.26 30.98
C SER A 254 -3.56 -9.61 31.21
N VAL A 255 -3.24 -10.58 30.36
CA VAL A 255 -3.78 -11.92 30.50
C VAL A 255 -2.70 -12.89 30.97
N LYS A 256 -1.94 -12.46 31.97
CA LYS A 256 -0.88 -13.29 32.53
C LYS A 256 -0.78 -13.03 34.02
N ILE A 262 -5.90 -3.28 30.47
CA ILE A 262 -4.68 -2.54 30.13
C ILE A 262 -4.89 -1.05 30.37
N VAL A 263 -3.99 -0.44 31.15
CA VAL A 263 -4.10 0.98 31.46
C VAL A 263 -2.90 1.76 30.93
N SER A 264 -1.87 1.03 30.52
CA SER A 264 -0.63 1.64 30.02
C SER A 264 -0.78 2.66 28.89
N GLN A 265 -0.07 3.78 29.05
CA GLN A 265 -0.04 4.86 28.06
C GLN A 265 1.43 5.08 27.74
N GLN A 266 1.83 4.71 26.53
CA GLN A 266 3.23 4.82 26.13
C GLN A 266 3.43 5.63 24.85
N PHE A 267 4.45 6.48 24.86
CA PHE A 267 4.80 7.30 23.69
C PHE A 267 6.04 6.70 23.04
N ILE A 268 5.92 6.30 21.77
CA ILE A 268 7.07 5.75 21.07
C ILE A 268 7.76 6.92 20.41
N PRO A 269 9.04 7.12 20.72
CA PRO A 269 9.85 8.22 20.17
C PRO A 269 9.88 8.30 18.65
N VAL A 270 10.02 9.52 18.16
CA VAL A 270 10.15 9.76 16.72
C VAL A 270 11.42 10.56 16.55
N ASN A 271 11.99 10.52 15.35
CA ASN A 271 13.21 11.27 15.06
C ASN A 271 13.32 11.54 13.57
N PRO A 272 14.01 12.61 13.21
CA PRO A 272 14.15 12.92 11.79
C PRO A 272 15.15 12.00 11.09
N VAL A 273 14.91 11.80 9.80
CA VAL A 273 15.81 11.02 8.95
C VAL A 273 16.02 11.99 7.80
N ILE A 274 17.25 12.45 7.66
CA ILE A 274 17.57 13.41 6.61
C ILE A 274 17.83 12.76 5.26
N ARG A 275 17.08 13.20 4.25
CA ARG A 275 17.28 12.65 2.92
C ARG A 275 17.63 13.76 1.94
N LYS A 276 16.86 13.93 0.87
CA LYS A 276 17.21 14.94 -0.11
C LYS A 276 16.16 15.98 -0.42
N SER A 277 15.12 16.07 0.40
CA SER A 277 14.06 17.04 0.13
C SER A 277 14.08 18.35 0.93
N THR A 278 15.17 18.61 1.66
CA THR A 278 15.29 19.85 2.42
C THR A 278 16.66 20.48 2.23
N ALA A 279 16.76 21.79 2.47
CA ALA A 279 18.03 22.50 2.35
C ALA A 279 17.92 23.84 3.08
N ARG A 280 19.03 24.31 3.61
CA ARG A 280 19.05 25.57 4.33
C ARG A 280 18.59 26.69 3.40
N LEU A 281 17.86 27.65 3.96
CA LEU A 281 17.35 28.79 3.19
C LEU A 281 18.53 29.65 2.75
N VAL B 10 -20.58 -13.89 7.64
CA VAL B 10 -19.19 -13.38 7.81
C VAL B 10 -18.24 -14.03 6.80
N ILE B 11 -17.61 -13.19 5.99
CA ILE B 11 -16.66 -13.68 4.99
C ILE B 11 -15.24 -13.42 5.49
N ALA B 12 -14.36 -14.38 5.24
CA ALA B 12 -12.97 -14.24 5.66
C ALA B 12 -12.08 -14.14 4.42
N ALA B 13 -11.24 -13.11 4.39
CA ALA B 13 -10.33 -12.91 3.28
C ALA B 13 -8.92 -13.20 3.74
N VAL B 14 -8.24 -14.08 3.03
CA VAL B 14 -6.87 -14.47 3.35
C VAL B 14 -5.89 -13.68 2.49
N VAL B 15 -4.99 -12.95 3.14
CA VAL B 15 -3.99 -12.16 2.44
C VAL B 15 -2.60 -12.56 2.93
N SER B 16 -1.61 -12.48 2.03
CA SER B 16 -0.23 -12.84 2.36
C SER B 16 0.31 -11.95 3.47
N ASN B 21 -1.11 -3.08 -1.83
CA ASN B 21 -1.75 -2.07 -2.66
C ASN B 21 -2.80 -2.70 -3.57
N PHE B 22 -2.48 -3.86 -4.15
CA PHE B 22 -3.42 -4.54 -5.02
C PHE B 22 -4.47 -5.21 -4.14
N ALA B 23 -4.06 -5.61 -2.94
CA ALA B 23 -4.95 -6.27 -1.99
C ALA B 23 -6.04 -5.32 -1.51
N GLN B 24 -5.65 -4.11 -1.08
CA GLN B 24 -6.61 -3.13 -0.61
C GLN B 24 -7.69 -2.91 -1.66
N GLN B 25 -7.29 -2.85 -2.92
CA GLN B 25 -8.22 -2.65 -4.02
C GLN B 25 -9.21 -3.80 -4.10
N ILE B 26 -8.73 -5.01 -3.87
CA ILE B 26 -9.61 -6.17 -3.90
C ILE B 26 -10.49 -6.12 -2.65
N LEU B 27 -9.90 -5.80 -1.51
CA LEU B 27 -10.62 -5.74 -0.25
C LEU B 27 -11.74 -4.69 -0.28
N ASP B 28 -11.50 -3.57 -0.96
CA ASP B 28 -12.53 -2.54 -1.04
C ASP B 28 -13.72 -3.11 -1.80
N GLY B 29 -13.45 -3.85 -2.87
CA GLY B 29 -14.52 -4.44 -3.65
C GLY B 29 -15.28 -5.48 -2.85
N ILE B 30 -14.55 -6.27 -2.06
CA ILE B 30 -15.15 -7.30 -1.23
C ILE B 30 -16.00 -6.62 -0.15
N GLN B 31 -15.42 -5.62 0.50
CA GLN B 31 -16.09 -4.90 1.55
C GLN B 31 -17.41 -4.32 1.05
N GLU B 32 -17.43 -3.79 -0.17
CA GLU B 32 -18.64 -3.21 -0.70
C GLU B 32 -19.72 -4.23 -1.05
N GLU B 33 -19.31 -5.30 -1.73
CA GLU B 33 -20.26 -6.34 -2.12
C GLU B 33 -20.76 -7.06 -0.88
N ALA B 34 -19.92 -7.15 0.14
CA ALA B 34 -20.29 -7.81 1.38
C ALA B 34 -21.34 -6.99 2.11
N HIS B 35 -21.07 -5.70 2.29
CA HIS B 35 -22.00 -4.81 2.98
C HIS B 35 -23.23 -4.52 2.15
N LYS B 36 -23.30 -5.12 0.96
CA LYS B 36 -24.45 -4.94 0.09
C LYS B 36 -25.32 -6.18 0.26
N ASN B 37 -24.72 -7.22 0.81
CA ASN B 37 -25.40 -8.48 1.09
C ASN B 37 -25.60 -8.56 2.60
N GLY B 38 -25.12 -7.53 3.30
CA GLY B 38 -25.24 -7.49 4.74
C GLY B 38 -24.22 -8.37 5.44
N TYR B 39 -23.27 -8.88 4.69
CA TYR B 39 -22.23 -9.76 5.24
C TYR B 39 -21.16 -8.98 6.00
N ASN B 40 -20.47 -9.66 6.90
CA ASN B 40 -19.39 -9.05 7.68
C ASN B 40 -18.09 -9.54 7.06
N LEU B 41 -16.97 -8.90 7.42
CA LEU B 41 -15.68 -9.30 6.85
C LEU B 41 -14.50 -9.27 7.81
N ILE B 42 -13.77 -10.39 7.88
CA ILE B 42 -12.58 -10.46 8.71
C ILE B 42 -11.42 -10.81 7.79
N ILE B 43 -10.25 -10.26 8.07
CA ILE B 43 -9.08 -10.52 7.26
C ILE B 43 -8.06 -11.35 8.03
N VAL B 44 -7.80 -12.56 7.56
CA VAL B 44 -6.83 -13.42 8.23
C VAL B 44 -5.47 -13.20 7.61
N TYR B 45 -4.57 -12.60 8.39
CA TYR B 45 -3.23 -12.27 7.95
C TYR B 45 -2.34 -13.51 7.94
N GLU B 52 3.98 -22.72 8.41
CA GLU B 52 2.80 -22.92 9.24
C GLU B 52 1.97 -21.65 9.35
N GLU B 53 2.60 -20.52 9.07
CA GLU B 53 1.92 -19.23 9.11
C GLU B 53 0.65 -19.38 8.28
N GLN B 54 0.76 -20.22 7.26
CA GLN B 54 -0.33 -20.50 6.34
C GLN B 54 -1.37 -21.43 6.93
N LYS B 55 -0.95 -22.64 7.26
CA LYS B 55 -1.85 -23.64 7.86
C LYS B 55 -2.67 -23.03 8.97
N HIS B 56 -2.04 -22.21 9.81
CA HIS B 56 -2.72 -21.57 10.93
C HIS B 56 -3.67 -20.46 10.47
N ALA B 57 -3.39 -19.89 9.31
CA ALA B 57 -4.24 -18.84 8.78
C ALA B 57 -5.57 -19.50 8.39
N LEU B 58 -5.48 -20.64 7.69
CA LEU B 58 -6.67 -21.36 7.27
C LEU B 58 -7.50 -21.76 8.48
N LEU B 59 -6.86 -22.37 9.47
CA LEU B 59 -7.58 -22.79 10.66
C LEU B 59 -8.18 -21.59 11.40
N THR B 60 -7.46 -20.48 11.44
CA THR B 60 -7.97 -19.30 12.11
C THR B 60 -9.29 -18.86 11.48
N ALA B 61 -9.43 -19.09 10.18
CA ALA B 61 -10.64 -18.71 9.45
C ALA B 61 -11.75 -19.75 9.60
N ILE B 62 -11.35 -21.02 9.54
CA ILE B 62 -12.31 -22.12 9.64
C ILE B 62 -12.71 -22.40 11.09
N GLU B 63 -11.74 -22.36 12.00
CA GLU B 63 -12.02 -22.60 13.42
C GLU B 63 -13.30 -21.86 13.80
N ARG B 64 -13.37 -20.59 13.45
CA ARG B 64 -14.53 -19.77 13.75
C ARG B 64 -15.49 -19.83 12.56
N PRO B 65 -16.79 -19.90 12.84
CA PRO B 65 -17.81 -19.98 11.79
C PRO B 65 -17.75 -18.86 10.75
N VAL B 66 -17.49 -19.23 9.51
CA VAL B 66 -17.44 -18.29 8.40
C VAL B 66 -18.23 -18.90 7.25
N MSE B 67 -18.92 -18.06 6.47
CA MSE B 67 -19.74 -18.56 5.37
C MSE B 67 -18.96 -18.76 4.08
O MSE B 67 -19.42 -19.45 3.16
CB MSE B 67 -20.90 -17.59 5.14
CG MSE B 67 -20.50 -16.24 4.59
SE MSE B 67 -21.98 -15.00 4.59
CE MSE B 67 -23.18 -15.99 3.44
N GLY B 68 -17.78 -18.15 4.00
CA GLY B 68 -16.97 -18.29 2.80
C GLY B 68 -15.58 -17.74 2.97
N ILE B 69 -14.64 -18.24 2.16
CA ILE B 69 -13.26 -17.80 2.23
C ILE B 69 -12.74 -17.35 0.87
N LEU B 70 -12.15 -16.16 0.83
CA LEU B 70 -11.59 -15.62 -0.40
C LEU B 70 -10.08 -15.53 -0.20
N LEU B 71 -9.31 -16.12 -1.12
CA LEU B 71 -7.86 -16.09 -0.98
C LEU B 71 -7.24 -15.16 -2.00
N LEU B 72 -6.75 -14.02 -1.52
CA LEU B 72 -6.13 -13.01 -2.36
C LEU B 72 -4.71 -13.35 -2.77
N SER B 73 -4.58 -13.95 -3.94
CA SER B 73 -3.28 -14.33 -4.48
C SER B 73 -2.40 -15.05 -3.47
N ILE B 74 -2.91 -16.16 -2.93
CA ILE B 74 -2.14 -16.95 -1.97
C ILE B 74 -1.83 -18.31 -2.59
N ALA B 75 -0.56 -18.69 -2.58
CA ALA B 75 -0.13 -19.96 -3.14
C ALA B 75 -0.07 -21.00 -2.02
N LEU B 76 -1.18 -21.71 -1.81
CA LEU B 76 -1.23 -22.73 -0.76
C LEU B 76 -0.41 -23.96 -1.11
N THR B 77 0.14 -24.61 -0.09
CA THR B 77 0.91 -25.82 -0.30
C THR B 77 -0.09 -26.93 -0.65
N ASP B 78 0.42 -28.06 -1.13
CA ASP B 78 -0.45 -29.18 -1.49
C ASP B 78 -1.33 -29.63 -0.33
N ASP B 79 -0.74 -29.70 0.86
CA ASP B 79 -1.49 -30.13 2.05
C ASP B 79 -2.41 -29.05 2.60
N ASN B 80 -1.99 -27.79 2.55
CA ASN B 80 -2.84 -26.71 3.05
C ASN B 80 -4.07 -26.55 2.16
N LEU B 81 -3.93 -26.93 0.89
CA LEU B 81 -5.02 -26.85 -0.07
C LEU B 81 -6.04 -27.96 0.19
N GLN B 82 -5.57 -29.19 0.42
CA GLN B 82 -6.48 -30.29 0.70
C GLN B 82 -7.17 -29.97 2.03
N LEU B 83 -6.46 -29.25 2.89
CA LEU B 83 -6.99 -28.86 4.17
C LEU B 83 -8.22 -27.96 3.98
N LEU B 84 -8.06 -26.90 3.20
CA LEU B 84 -9.16 -25.98 2.94
C LEU B 84 -10.28 -26.69 2.19
N GLN B 85 -9.91 -27.60 1.29
CA GLN B 85 -10.89 -28.32 0.52
C GLN B 85 -11.68 -29.33 1.34
N SER B 86 -11.11 -29.77 2.46
CA SER B 86 -11.78 -30.74 3.33
C SER B 86 -12.70 -30.09 4.36
N SER B 87 -12.49 -28.80 4.60
CA SER B 87 -13.32 -28.10 5.58
C SER B 87 -14.76 -27.86 5.11
N ASP B 88 -15.02 -28.12 3.83
CA ASP B 88 -16.35 -27.91 3.27
C ASP B 88 -16.82 -26.47 3.37
N VAL B 89 -15.88 -25.53 3.32
CA VAL B 89 -16.21 -24.12 3.37
C VAL B 89 -16.07 -23.56 1.95
N PRO B 90 -17.13 -22.89 1.45
CA PRO B 90 -17.07 -22.32 0.11
C PRO B 90 -15.83 -21.43 0.00
N TYR B 91 -15.06 -21.57 -1.08
CA TYR B 91 -13.87 -20.75 -1.22
C TYR B 91 -13.59 -20.41 -2.68
N CYS B 92 -12.83 -19.35 -2.90
CA CYS B 92 -12.46 -18.91 -4.24
C CYS B 92 -11.18 -18.08 -4.14
N PHE B 93 -10.27 -18.32 -5.08
CA PHE B 93 -9.01 -17.57 -5.11
C PHE B 93 -9.20 -16.31 -5.96
N LEU B 94 -8.57 -15.22 -5.54
CA LEU B 94 -8.65 -13.95 -6.26
C LEU B 94 -7.27 -13.48 -6.70
N SER B 95 -7.21 -12.91 -7.91
CA SER B 95 -5.98 -12.37 -8.48
C SER B 95 -4.90 -13.41 -8.80
N MSE B 96 -5.31 -14.66 -8.95
CA MSE B 96 -4.37 -15.73 -9.26
C MSE B 96 -5.07 -16.88 -10.01
O MSE B 96 -6.16 -17.29 -9.62
CB MSE B 96 -3.74 -16.27 -7.97
CG MSE B 96 -2.70 -17.37 -8.16
SE MSE B 96 -1.99 -18.03 -6.46
CE MSE B 96 -0.57 -16.74 -6.24
N GLY B 97 -4.44 -17.36 -11.07
CA GLY B 97 -5.00 -18.46 -11.83
C GLY B 97 -4.30 -19.76 -11.52
N PHE B 98 -4.85 -20.87 -11.98
CA PHE B 98 -4.28 -22.18 -11.73
C PHE B 98 -4.45 -23.11 -12.92
N ASP B 99 -3.61 -24.14 -12.99
CA ASP B 99 -3.68 -25.10 -14.08
C ASP B 99 -4.82 -26.10 -13.87
N ASP B 100 -5.11 -26.40 -12.61
CA ASP B 100 -6.19 -27.36 -12.30
C ASP B 100 -7.57 -26.72 -12.35
N ASP B 101 -8.54 -27.37 -11.71
CA ASP B 101 -9.92 -26.89 -11.71
C ASP B 101 -10.32 -26.10 -10.45
N ARG B 102 -9.32 -25.72 -9.67
CA ARG B 102 -9.52 -24.95 -8.46
C ARG B 102 -10.27 -23.67 -8.86
N PRO B 103 -11.29 -23.26 -8.07
CA PRO B 103 -12.04 -22.05 -8.41
C PRO B 103 -11.21 -20.79 -8.23
N PHE B 104 -11.24 -19.90 -9.22
CA PHE B 104 -10.49 -18.66 -9.12
C PHE B 104 -11.09 -17.56 -9.97
N ILE B 105 -10.77 -16.33 -9.61
CA ILE B 105 -11.21 -15.15 -10.33
C ILE B 105 -9.97 -14.27 -10.42
N SER B 106 -9.53 -13.98 -11.64
CA SER B 106 -8.35 -13.16 -11.84
C SER B 106 -8.28 -12.68 -13.28
N SER B 107 -7.16 -12.06 -13.62
CA SER B 107 -6.94 -11.57 -14.97
C SER B 107 -6.34 -12.69 -15.79
N ASP B 108 -6.36 -12.53 -17.11
CA ASP B 108 -5.77 -13.52 -17.99
C ASP B 108 -4.30 -13.10 -18.04
N ASP B 109 -3.47 -13.74 -17.24
CA ASP B 109 -2.06 -13.38 -17.17
C ASP B 109 -1.35 -13.40 -18.51
N GLU B 110 -1.62 -14.41 -19.33
CA GLU B 110 -0.95 -14.43 -20.62
C GLU B 110 -1.35 -13.19 -21.40
N ASP B 111 -2.63 -12.84 -21.39
CA ASP B 111 -3.10 -11.68 -22.12
C ASP B 111 -2.52 -10.39 -21.53
N ILE B 112 -2.19 -10.40 -20.24
CA ILE B 112 -1.58 -9.22 -19.64
C ILE B 112 -0.22 -8.99 -20.30
N GLY B 113 0.58 -10.05 -20.35
CA GLY B 113 1.90 -9.96 -20.97
C GLY B 113 1.80 -9.61 -22.44
N TYR B 114 0.77 -10.15 -23.08
CA TYR B 114 0.50 -9.93 -24.49
C TYR B 114 0.14 -8.47 -24.76
N GLN B 115 -0.80 -7.93 -24.00
CA GLN B 115 -1.20 -6.53 -24.18
C GLN B 115 -0.10 -5.52 -23.82
N ALA B 116 0.60 -5.79 -22.73
CA ALA B 116 1.68 -4.90 -22.30
C ALA B 116 2.74 -4.77 -23.39
N THR B 117 3.12 -5.91 -23.96
CA THR B 117 4.13 -5.96 -24.99
C THR B 117 3.66 -5.33 -26.30
N ASN B 118 2.45 -5.64 -26.72
CA ASN B 118 1.93 -5.07 -27.96
C ASN B 118 1.79 -3.55 -27.86
N LEU B 119 1.52 -3.07 -26.66
CA LEU B 119 1.38 -1.63 -26.45
C LEU B 119 2.66 -0.93 -26.91
N LEU B 120 3.81 -1.52 -26.57
CA LEU B 120 5.10 -0.95 -26.98
C LEU B 120 5.35 -1.22 -28.46
N ILE B 121 5.03 -2.44 -28.92
CA ILE B 121 5.24 -2.79 -30.32
C ILE B 121 4.44 -1.83 -31.22
N ASN B 122 3.21 -1.54 -30.84
CA ASN B 122 2.38 -0.63 -31.63
C ASN B 122 2.89 0.81 -31.59
N GLU B 123 3.76 1.10 -30.63
CA GLU B 123 4.35 2.43 -30.51
C GLU B 123 5.69 2.45 -31.24
N GLY B 124 5.99 1.36 -31.94
CA GLY B 124 7.23 1.31 -32.71
C GLY B 124 8.43 0.58 -32.13
N HIS B 125 8.34 0.14 -30.89
CA HIS B 125 9.44 -0.57 -30.22
C HIS B 125 9.59 -2.02 -30.68
N ARG B 126 10.82 -2.50 -30.73
CA ARG B 126 11.10 -3.88 -31.12
C ARG B 126 12.10 -4.52 -30.15
N GLN B 127 12.91 -3.68 -29.50
CA GLN B 127 13.88 -4.16 -28.52
C GLN B 127 13.22 -3.93 -27.17
N ILE B 128 12.34 -4.86 -26.82
CA ILE B 128 11.53 -4.81 -25.62
C ILE B 128 11.93 -5.82 -24.55
N GLY B 129 12.22 -5.32 -23.34
CA GLY B 129 12.59 -6.21 -22.26
C GLY B 129 11.45 -6.36 -21.26
N ILE B 130 11.58 -7.33 -20.36
CA ILE B 130 10.56 -7.57 -19.34
C ILE B 130 11.30 -7.91 -18.05
N ALA B 131 10.93 -7.24 -16.96
CA ALA B 131 11.64 -7.44 -15.71
C ALA B 131 10.82 -7.62 -14.44
N GLY B 132 11.43 -8.36 -13.51
CA GLY B 132 10.84 -8.61 -12.20
C GLY B 132 9.90 -9.78 -12.02
N ILE B 133 9.58 -10.50 -13.09
CA ILE B 133 8.64 -11.61 -12.97
C ILE B 133 9.22 -12.88 -12.37
N ASP B 134 8.47 -13.49 -11.44
CA ASP B 134 8.91 -14.76 -10.85
C ASP B 134 8.40 -15.75 -11.89
N GLN B 135 9.32 -16.14 -12.77
CA GLN B 135 9.09 -17.02 -13.91
C GLN B 135 8.60 -18.45 -13.66
N TYR B 136 8.77 -18.97 -12.46
CA TYR B 136 8.37 -20.36 -12.17
C TYR B 136 6.88 -20.59 -11.95
N PRO B 137 6.27 -19.88 -10.99
CA PRO B 137 4.84 -20.07 -10.75
C PRO B 137 3.92 -19.72 -11.93
N TYR B 138 2.70 -20.25 -11.89
CA TYR B 138 1.68 -20.06 -12.90
C TYR B 138 1.55 -18.61 -13.40
N THR B 139 1.35 -17.69 -12.47
CA THR B 139 1.21 -16.27 -12.79
C THR B 139 2.32 -15.78 -13.72
N GLY B 140 3.56 -15.87 -13.23
CA GLY B 140 4.69 -15.43 -14.01
C GLY B 140 4.88 -16.18 -15.31
N ARG B 141 4.69 -17.49 -15.29
CA ARG B 141 4.82 -18.30 -16.50
C ARG B 141 3.90 -17.79 -17.60
N LYS B 142 2.64 -17.52 -17.25
CA LYS B 142 1.67 -17.05 -18.23
C LYS B 142 1.98 -15.67 -18.77
N ARG B 143 2.31 -14.73 -17.90
CA ARG B 143 2.62 -13.38 -18.34
C ARG B 143 3.80 -13.39 -19.30
N LEU B 144 4.82 -14.20 -18.98
CA LEU B 144 5.99 -14.28 -19.84
C LEU B 144 5.64 -14.92 -21.18
N ALA B 145 4.76 -15.92 -21.15
CA ALA B 145 4.35 -16.58 -22.39
C ALA B 145 3.65 -15.57 -23.29
N GLY B 146 2.85 -14.68 -22.68
CA GLY B 146 2.15 -13.66 -23.43
C GLY B 146 3.12 -12.69 -24.07
N TYR B 147 4.20 -12.39 -23.35
CA TYR B 147 5.27 -11.50 -23.82
C TYR B 147 5.96 -12.12 -25.03
N LYS B 148 6.29 -13.41 -24.93
CA LYS B 148 6.97 -14.13 -26.02
C LYS B 148 6.08 -14.30 -27.24
N LYS B 149 4.78 -14.41 -27.02
CA LYS B 149 3.83 -14.55 -28.11
C LYS B 149 3.78 -13.23 -28.89
N ALA B 150 3.67 -12.13 -28.16
CA ALA B 150 3.62 -10.80 -28.76
C ALA B 150 4.84 -10.58 -29.63
N LEU B 151 6.00 -10.99 -29.11
CA LEU B 151 7.25 -10.83 -29.84
C LEU B 151 7.28 -11.68 -31.11
N LYS B 152 6.82 -12.93 -30.99
CA LYS B 152 6.80 -13.83 -32.14
C LYS B 152 5.85 -13.34 -33.23
N GLU B 153 4.68 -12.84 -32.83
CA GLU B 153 3.71 -12.33 -33.79
C GLU B 153 4.23 -11.07 -34.48
N ALA B 154 5.21 -10.42 -33.87
CA ALA B 154 5.82 -9.22 -34.43
C ALA B 154 7.13 -9.62 -35.09
N ASN B 155 7.40 -10.92 -35.10
CA ASN B 155 8.62 -11.46 -35.69
C ASN B 155 9.87 -10.94 -35.01
N ILE B 156 9.79 -10.79 -33.68
CA ILE B 156 10.93 -10.33 -32.88
C ILE B 156 11.48 -11.58 -32.20
N ALA B 157 12.76 -11.87 -32.43
CA ALA B 157 13.40 -13.04 -31.85
C ALA B 157 13.49 -12.95 -30.33
N ILE B 158 13.07 -14.01 -29.64
CA ILE B 158 13.12 -14.04 -28.18
C ILE B 158 14.57 -14.01 -27.72
N ASN B 159 14.93 -12.98 -26.97
CA ASN B 159 16.28 -12.78 -26.45
C ASN B 159 16.27 -12.96 -24.92
N GLN B 160 16.83 -14.06 -24.44
CA GLN B 160 16.84 -14.34 -23.00
C GLN B 160 17.51 -13.22 -22.21
N GLU B 161 18.40 -12.47 -22.83
CA GLU B 161 19.08 -11.38 -22.15
C GLU B 161 18.12 -10.22 -21.86
N TRP B 162 16.97 -10.21 -22.52
CA TRP B 162 15.97 -9.16 -22.35
C TRP B 162 15.00 -9.53 -21.22
N ILE B 163 15.21 -10.70 -20.64
CA ILE B 163 14.36 -11.19 -19.57
C ILE B 163 15.16 -11.21 -18.27
N LYS B 164 14.75 -10.39 -17.31
CA LYS B 164 15.40 -10.29 -16.02
C LYS B 164 14.39 -10.63 -14.95
N PRO B 165 14.47 -11.86 -14.41
CA PRO B 165 13.56 -12.33 -13.36
C PRO B 165 13.69 -11.54 -12.07
N GLY B 166 12.67 -11.62 -11.25
CA GLY B 166 12.67 -10.93 -9.99
C GLY B 166 11.50 -11.44 -9.18
N ASP B 167 11.09 -10.66 -8.20
CA ASP B 167 10.01 -11.07 -7.32
C ASP B 167 8.93 -10.00 -7.21
N TYR B 168 8.69 -9.29 -8.31
CA TYR B 168 7.66 -8.24 -8.32
C TYR B 168 7.89 -7.09 -7.37
N SER B 169 9.07 -6.99 -6.76
CA SER B 169 9.33 -5.92 -5.82
C SER B 169 10.01 -4.71 -6.45
N TYR B 170 10.12 -3.64 -5.67
CA TYR B 170 10.78 -2.42 -6.12
C TYR B 170 12.25 -2.73 -6.36
N THR B 171 12.87 -3.47 -5.44
CA THR B 171 14.28 -3.82 -5.57
C THR B 171 14.59 -4.60 -6.85
N SER B 172 13.72 -5.54 -7.21
CA SER B 172 13.95 -6.32 -8.41
C SER B 172 13.92 -5.42 -9.65
N GLY B 173 13.20 -4.32 -9.56
CA GLY B 173 13.13 -3.38 -10.67
C GLY B 173 14.47 -2.69 -10.79
N GLU B 174 14.98 -2.20 -9.66
CA GLU B 174 16.28 -1.55 -9.68
C GLU B 174 17.37 -2.51 -10.14
N GLN B 175 17.32 -3.74 -9.64
CA GLN B 175 18.33 -4.74 -9.98
C GLN B 175 18.31 -5.13 -11.45
N ALA B 176 17.10 -5.31 -11.98
CA ALA B 176 16.96 -5.66 -13.38
C ALA B 176 17.47 -4.52 -14.28
N MSE B 177 17.21 -3.27 -13.91
CA MSE B 177 17.67 -2.15 -14.75
C MSE B 177 19.22 -2.12 -14.74
O MSE B 177 19.84 -1.79 -15.77
CB MSE B 177 17.08 -0.83 -14.26
CG MSE B 177 17.41 0.39 -15.13
SE MSE B 177 16.75 0.27 -16.98
CE MSE B 177 18.43 0.17 -17.95
N LYS B 178 19.83 -2.47 -13.61
CA LYS B 178 21.28 -2.50 -13.52
C LYS B 178 21.77 -3.60 -14.45
N ALA B 179 21.06 -4.73 -14.46
CA ALA B 179 21.40 -5.84 -15.33
C ALA B 179 21.35 -5.40 -16.80
N PHE B 180 20.28 -4.72 -17.20
CA PHE B 180 20.18 -4.26 -18.58
C PHE B 180 21.36 -3.37 -18.89
N GLY B 181 21.70 -2.48 -17.96
CA GLY B 181 22.83 -1.61 -18.17
C GLY B 181 22.48 -0.21 -18.62
N LYS B 182 23.37 0.72 -18.28
CA LYS B 182 23.22 2.13 -18.64
C LYS B 182 23.22 2.27 -20.17
N ASN B 183 23.95 1.37 -20.84
CA ASN B 183 24.05 1.41 -22.29
C ASN B 183 23.16 0.37 -22.96
N THR B 184 22.10 -0.05 -22.28
CA THR B 184 21.20 -1.05 -22.83
C THR B 184 20.71 -0.67 -24.21
N ASP B 185 20.42 -1.67 -25.03
CA ASP B 185 19.93 -1.43 -26.39
C ASP B 185 18.42 -1.49 -26.37
N LEU B 186 17.84 -1.76 -25.20
CA LEU B 186 16.38 -1.83 -25.08
C LEU B 186 15.81 -0.41 -25.14
N THR B 187 14.62 -0.29 -25.71
CA THR B 187 13.97 1.02 -25.78
C THR B 187 12.64 0.94 -25.05
N GLY B 188 12.23 -0.27 -24.70
CA GLY B 188 10.99 -0.46 -23.98
C GLY B 188 11.15 -1.56 -22.96
N ILE B 189 10.53 -1.39 -21.79
CA ILE B 189 10.59 -2.39 -20.73
C ILE B 189 9.24 -2.56 -20.06
N ILE B 190 8.84 -3.81 -19.88
CA ILE B 190 7.59 -4.14 -19.23
C ILE B 190 7.93 -4.51 -17.80
N ALA B 191 7.27 -3.86 -16.85
CA ALA B 191 7.53 -4.13 -15.44
C ALA B 191 6.51 -5.12 -14.89
N ALA B 192 7.00 -6.05 -14.09
CA ALA B 192 6.16 -7.09 -13.49
C ALA B 192 5.09 -6.55 -12.56
N SER B 193 5.31 -5.33 -12.05
CA SER B 193 4.36 -4.70 -11.13
C SER B 193 4.65 -3.21 -11.05
N ASP B 194 3.74 -2.46 -10.44
CA ASP B 194 3.94 -1.02 -10.32
C ASP B 194 5.19 -0.70 -9.49
N MSE B 195 5.40 -1.42 -8.38
CA MSE B 195 6.59 -1.17 -7.57
C MSE B 195 7.85 -1.52 -8.35
O MSE B 195 8.88 -0.87 -8.22
CB MSE B 195 6.55 -1.99 -6.26
CG MSE B 195 5.49 -1.56 -5.27
SE MSE B 195 5.72 0.32 -4.81
CE MSE B 195 7.53 0.26 -4.12
N THR B 196 7.77 -2.57 -9.15
CA THR B 196 8.92 -2.96 -9.97
C THR B 196 9.20 -1.84 -10.98
N ALA B 197 8.13 -1.29 -11.56
CA ALA B 197 8.28 -0.21 -12.52
C ALA B 197 8.94 1.01 -11.91
N ILE B 198 8.61 1.30 -10.65
CA ILE B 198 9.21 2.46 -10.03
C ILE B 198 10.72 2.24 -9.87
N GLY B 199 11.11 1.01 -9.52
CA GLY B 199 12.53 0.70 -9.36
C GLY B 199 13.26 0.86 -10.69
N ILE B 200 12.64 0.37 -11.76
CA ILE B 200 13.22 0.48 -13.09
C ILE B 200 13.37 1.96 -13.43
N LEU B 201 12.29 2.70 -13.17
CA LEU B 201 12.23 4.14 -13.45
C LEU B 201 13.32 4.93 -12.74
N ASN B 202 13.49 4.68 -11.45
CA ASN B 202 14.49 5.38 -10.67
C ASN B 202 15.90 4.98 -11.08
N GLN B 203 16.15 3.69 -11.32
CA GLN B 203 17.48 3.25 -11.71
C GLN B 203 17.85 3.80 -13.08
N ALA B 204 16.88 3.80 -14.00
CA ALA B 204 17.13 4.35 -15.33
C ALA B 204 17.55 5.80 -15.15
N SER B 205 16.82 6.51 -14.31
CA SER B 205 17.10 7.91 -14.05
C SER B 205 18.54 8.10 -13.54
N SER B 206 18.98 7.21 -12.65
CA SER B 206 20.33 7.28 -12.11
C SER B 206 21.38 7.05 -13.21
N PHE B 207 21.02 6.27 -14.23
CA PHE B 207 21.92 6.00 -15.34
C PHE B 207 21.86 7.15 -16.37
N GLY B 208 21.02 8.14 -16.11
CA GLY B 208 20.90 9.25 -17.02
C GLY B 208 20.01 8.93 -18.22
N ILE B 209 19.20 7.88 -18.09
CA ILE B 209 18.28 7.45 -19.14
C ILE B 209 16.93 8.14 -18.89
N GLU B 210 16.48 8.94 -19.85
CA GLU B 210 15.22 9.65 -19.72
C GLU B 210 13.98 8.86 -20.15
N VAL B 211 12.95 8.90 -19.33
CA VAL B 211 11.71 8.21 -19.62
C VAL B 211 10.64 9.27 -19.85
N PRO B 212 9.88 9.18 -20.95
CA PRO B 212 9.87 8.16 -22.01
C PRO B 212 10.79 8.51 -23.19
N LYS B 213 11.50 9.62 -23.06
CA LYS B 213 12.43 10.11 -24.08
C LYS B 213 13.18 8.97 -24.79
N ASP B 214 14.13 8.33 -24.11
CA ASP B 214 14.85 7.24 -24.75
C ASP B 214 14.52 5.85 -24.19
N LEU B 215 13.58 5.80 -23.24
CA LEU B 215 13.16 4.53 -22.66
C LEU B 215 11.67 4.58 -22.26
N SER B 216 10.89 3.66 -22.81
CA SER B 216 9.46 3.59 -22.47
C SER B 216 9.30 2.49 -21.42
N ILE B 217 8.37 2.70 -20.49
CA ILE B 217 8.10 1.71 -19.44
C ILE B 217 6.61 1.47 -19.33
N VAL B 218 6.20 0.21 -19.33
CA VAL B 218 4.80 -0.17 -19.18
C VAL B 218 4.69 -1.00 -17.90
N SER B 219 3.84 -0.55 -16.98
CA SER B 219 3.67 -1.24 -15.71
C SER B 219 2.47 -2.17 -15.73
N ILE B 220 2.55 -3.26 -14.96
CA ILE B 220 1.44 -4.20 -14.86
C ILE B 220 0.83 -3.99 -13.48
N ASP B 221 -0.48 -3.85 -13.44
CA ASP B 221 -1.31 -3.65 -12.23
C ASP B 221 -2.10 -2.35 -12.30
N GLY B 222 -1.42 -1.22 -12.43
CA GLY B 222 -2.11 0.06 -12.51
C GLY B 222 -2.78 0.57 -11.25
N THR B 223 -2.16 0.37 -10.10
CA THR B 223 -2.70 0.84 -8.84
C THR B 223 -2.29 2.30 -8.69
N GLU B 224 -2.69 2.94 -7.59
CA GLU B 224 -2.36 4.35 -7.34
C GLU B 224 -0.86 4.65 -7.52
N MSE B 225 -0.02 3.65 -7.25
CA MSE B 225 1.42 3.83 -7.39
C MSE B 225 1.82 4.37 -8.78
O MSE B 225 2.89 4.97 -8.91
CB MSE B 225 2.14 2.51 -7.12
CG MSE B 225 2.03 2.02 -5.70
SE MSE B 225 2.78 3.23 -4.39
CE MSE B 225 3.53 1.93 -3.18
N CYS B 226 0.99 4.14 -9.80
CA CYS B 226 1.30 4.63 -11.14
C CYS B 226 1.11 6.14 -11.31
N LYS B 227 0.32 6.74 -10.44
CA LYS B 227 0.05 8.18 -10.51
C LYS B 227 0.91 9.03 -9.57
N ILE B 228 1.86 8.40 -8.89
CA ILE B 228 2.71 9.15 -7.97
C ILE B 228 4.15 9.32 -8.43
N THR B 229 4.54 8.64 -9.50
CA THR B 229 5.91 8.77 -10.00
C THR B 229 5.93 9.82 -11.11
N ARG B 230 7.13 10.33 -11.40
CA ARG B 230 7.30 11.31 -12.47
C ARG B 230 8.33 10.76 -13.44
N PRO B 231 7.91 10.43 -14.67
CA PRO B 231 6.54 10.55 -15.18
C PRO B 231 5.58 9.49 -14.63
N GLN B 232 4.28 9.77 -14.72
CA GLN B 232 3.28 8.81 -14.27
C GLN B 232 3.33 7.61 -15.21
N LEU B 233 3.25 6.42 -14.62
CA LEU B 233 3.36 5.17 -15.37
C LEU B 233 2.17 4.67 -16.19
N THR B 234 2.42 4.41 -17.46
CA THR B 234 1.39 3.87 -18.32
C THR B 234 1.31 2.44 -17.85
N SER B 235 0.12 1.87 -17.85
CA SER B 235 0.00 0.52 -17.34
C SER B 235 -1.11 -0.31 -17.96
N ILE B 236 -1.04 -1.60 -17.68
CA ILE B 236 -2.05 -2.55 -18.07
C ILE B 236 -2.69 -2.72 -16.70
N SER B 237 -3.85 -2.12 -16.53
CA SER B 237 -4.53 -2.14 -15.25
C SER B 237 -5.45 -3.31 -15.06
N GLN B 238 -5.39 -3.91 -13.87
CA GLN B 238 -6.24 -5.05 -13.54
C GLN B 238 -7.40 -4.48 -12.75
N ASP B 239 -8.58 -5.07 -12.93
CA ASP B 239 -9.74 -4.60 -12.21
C ASP B 239 -9.86 -5.34 -10.89
N PHE B 240 -8.95 -5.06 -9.96
CA PHE B 240 -8.94 -5.72 -8.65
C PHE B 240 -10.26 -5.55 -7.93
N PHE B 241 -10.83 -4.36 -8.01
CA PHE B 241 -12.09 -4.07 -7.33
C PHE B 241 -13.13 -5.11 -7.77
N GLN B 242 -13.29 -5.27 -9.08
CA GLN B 242 -14.25 -6.20 -9.61
C GLN B 242 -13.96 -7.63 -9.17
N MSE B 243 -12.69 -7.98 -9.03
CA MSE B 243 -12.34 -9.33 -8.58
C MSE B 243 -12.99 -9.54 -7.22
O MSE B 243 -13.55 -10.59 -6.94
CB MSE B 243 -10.83 -9.48 -8.44
CG MSE B 243 -10.10 -9.42 -9.76
SE MSE B 243 -8.23 -9.81 -9.50
CE MSE B 243 -7.55 -9.05 -11.15
N GLY B 244 -12.88 -8.51 -6.38
CA GLY B 244 -13.44 -8.57 -5.04
C GLY B 244 -14.96 -8.63 -5.04
N VAL B 245 -15.57 -7.87 -5.94
CA VAL B 245 -17.02 -7.86 -6.05
C VAL B 245 -17.52 -9.25 -6.45
N THR B 246 -16.97 -9.76 -7.56
CA THR B 246 -17.34 -11.07 -8.08
C THR B 246 -17.08 -12.18 -7.08
N GLY B 247 -15.95 -12.09 -6.37
CA GLY B 247 -15.63 -13.09 -5.37
C GLY B 247 -16.77 -13.27 -4.38
N VAL B 248 -17.25 -12.18 -3.82
CA VAL B 248 -18.34 -12.26 -2.86
C VAL B 248 -19.62 -12.80 -3.52
N GLN B 249 -19.81 -12.53 -4.80
CA GLN B 249 -20.99 -13.01 -5.49
C GLN B 249 -20.95 -14.54 -5.68
N GLN B 250 -19.75 -15.10 -5.71
CA GLN B 250 -19.63 -16.56 -5.86
C GLN B 250 -20.01 -17.21 -4.54
N ILE B 251 -19.64 -16.57 -3.43
CA ILE B 251 -19.97 -17.09 -2.10
C ILE B 251 -21.48 -16.99 -1.90
N HIS B 252 -22.02 -15.79 -2.15
CA HIS B 252 -23.45 -15.55 -2.02
C HIS B 252 -24.23 -16.56 -2.87
N GLN B 253 -23.75 -16.80 -4.07
CA GLN B 253 -24.38 -17.72 -5.00
C GLN B 253 -24.29 -19.17 -4.52
N SER B 254 -23.24 -19.48 -3.76
CA SER B 254 -23.05 -20.84 -3.25
C SER B 254 -24.01 -21.16 -2.13
N VAL B 255 -24.47 -20.13 -1.41
CA VAL B 255 -25.42 -20.35 -0.33
C VAL B 255 -26.84 -20.34 -0.91
N LYS B 256 -27.03 -19.54 -1.96
CA LYS B 256 -28.33 -19.45 -2.62
C LYS B 256 -28.71 -20.76 -3.28
N ASN B 257 -27.85 -21.27 -4.15
CA ASN B 257 -28.13 -22.54 -4.83
C ASN B 257 -27.94 -23.71 -3.89
N GLY B 258 -27.73 -23.40 -2.62
CA GLY B 258 -27.55 -24.41 -1.59
C GLY B 258 -26.36 -25.35 -1.73
N SER B 259 -25.60 -25.25 -2.83
CA SER B 259 -24.46 -26.13 -3.03
C SER B 259 -23.34 -25.86 -2.03
N ASN B 260 -23.27 -24.63 -1.52
CA ASN B 260 -22.23 -24.25 -0.57
C ASN B 260 -20.85 -24.63 -1.11
N ARG B 261 -20.68 -24.49 -2.42
CA ARG B 261 -19.42 -24.81 -3.09
C ARG B 261 -19.28 -23.96 -4.35
N ILE B 262 -18.04 -23.60 -4.68
CA ILE B 262 -17.75 -22.79 -5.86
C ILE B 262 -16.79 -23.55 -6.78
N VAL B 263 -17.11 -23.64 -8.06
CA VAL B 263 -16.25 -24.37 -8.99
C VAL B 263 -15.88 -23.60 -10.25
N SER B 264 -16.34 -22.37 -10.38
CA SER B 264 -16.04 -21.58 -11.56
C SER B 264 -14.66 -20.93 -11.57
N GLN B 265 -14.10 -20.79 -12.77
CA GLN B 265 -12.81 -20.15 -12.99
C GLN B 265 -13.14 -19.03 -13.97
N GLN B 266 -12.82 -17.79 -13.60
CA GLN B 266 -13.17 -16.66 -14.45
C GLN B 266 -12.04 -15.66 -14.66
N PHE B 267 -12.04 -15.01 -15.82
CA PHE B 267 -11.04 -14.01 -16.16
C PHE B 267 -11.70 -12.64 -16.22
N ILE B 268 -11.13 -11.68 -15.49
CA ILE B 268 -11.65 -10.33 -15.49
C ILE B 268 -10.79 -9.56 -16.49
N PRO B 269 -11.42 -8.92 -17.49
CA PRO B 269 -10.66 -8.16 -18.50
C PRO B 269 -9.76 -7.09 -17.90
N VAL B 270 -8.64 -6.81 -18.57
CA VAL B 270 -7.73 -5.77 -18.14
C VAL B 270 -7.77 -4.69 -19.22
N ASN B 271 -7.33 -3.48 -18.89
CA ASN B 271 -7.35 -2.39 -19.85
C ASN B 271 -6.13 -1.49 -19.72
N PRO B 272 -5.51 -1.14 -20.86
CA PRO B 272 -4.34 -0.28 -20.81
C PRO B 272 -4.76 1.15 -20.46
N VAL B 273 -3.98 1.79 -19.58
CA VAL B 273 -4.24 3.16 -19.17
C VAL B 273 -2.99 3.96 -19.53
N ILE B 274 -3.11 4.79 -20.56
CA ILE B 274 -1.99 5.59 -21.03
C ILE B 274 -1.72 6.77 -20.11
N ARG B 275 -0.48 6.87 -19.62
CA ARG B 275 -0.12 7.99 -18.77
C ARG B 275 1.03 8.75 -19.41
N LYS B 276 2.20 8.78 -18.78
CA LYS B 276 3.29 9.56 -19.38
C LYS B 276 4.64 8.86 -19.48
N SER B 277 4.67 7.54 -19.31
CA SER B 277 5.91 6.80 -19.34
C SER B 277 6.24 6.08 -20.64
N THR B 278 5.43 6.31 -21.68
CA THR B 278 5.65 5.68 -22.99
C THR B 278 5.60 6.72 -24.10
N ALA B 279 6.34 6.47 -25.17
CA ALA B 279 6.37 7.35 -26.34
C ALA B 279 6.80 6.52 -27.55
N ARG B 280 6.37 6.93 -28.75
CA ARG B 280 6.76 6.17 -29.93
C ARG B 280 8.28 6.15 -30.05
N LEU B 281 8.83 5.07 -30.59
CA LEU B 281 10.26 4.92 -30.74
C LEU B 281 10.90 6.07 -31.53
C1 GOL C . -0.39 10.14 9.44
O1 GOL C . 0.95 10.32 9.84
C2 GOL C . -0.81 8.71 9.73
O2 GOL C . -2.00 8.70 10.54
C3 GOL C . -1.06 7.99 8.41
O3 GOL C . 0.18 7.48 7.90
#